data_1QNZ
#
_entry.id   1QNZ
#
_cell.length_a   1.000
_cell.length_b   1.000
_cell.length_c   1.000
_cell.angle_alpha   90.00
_cell.angle_beta   90.00
_cell.angle_gamma   90.00
#
_symmetry.space_group_name_H-M   'P 1'
#
loop_
_entity.id
_entity.type
_entity.pdbx_description
1 polymer '0.5B ANTIBODY (HEAVY CHAIN)'
2 polymer '0.5B ANTIBODY (LIGHT CHAIN)'
3 polymer GP120
#
loop_
_entity_poly.entity_id
_entity_poly.type
_entity_poly.pdbx_seq_one_letter_code
_entity_poly.pdbx_strand_id
1 'polypeptide(L)'
;QVQLQQSGAELVKPGASVKMSCKASGYTFTTYPIEWMKQNHGKSLEWIGNFHPYSDDTNYNEKFKGKAKLTVEKSSSTVY
LEFSRLTSDDSAVYYCAIHYGSAYAMDYWGQGTSVTVSS
;
H
2 'polypeptide(L)'
;DIVLTQSPASLAVSLGQRATISCKASQSVDYDGDSYMNWYQQKPGQPPKLLIYAASNLESGIPARFSGSGSRTDFTLNIH
PVEEEDAATYYCQQSNEDPFTFGSGTKLEIKR
;
L
3 'polypeptide(L)' RKSIRIQRGPGRAFVTIG P
#
# COMPACT_ATOMS: atom_id res chain seq x y z
N GLN A 1 22.00 -2.28 1.49
CA GLN A 1 20.65 -2.22 2.12
C GLN A 1 19.84 -1.04 1.55
N VAL A 2 18.54 -1.05 1.80
CA VAL A 2 17.66 0.02 1.32
C VAL A 2 16.68 0.42 2.42
N GLN A 3 16.17 1.66 2.35
CA GLN A 3 15.22 2.16 3.34
C GLN A 3 14.59 3.49 2.91
N LEU A 4 13.31 3.66 3.22
CA LEU A 4 12.58 4.88 2.87
C LEU A 4 12.35 5.75 4.10
N GLN A 5 13.29 6.64 4.38
CA GLN A 5 13.19 7.54 5.53
C GLN A 5 12.40 8.79 5.18
N GLN A 6 11.09 8.70 5.35
CA GLN A 6 10.19 9.82 5.06
C GLN A 6 9.95 10.67 6.30
N SER A 7 9.63 11.95 6.09
CA SER A 7 9.37 12.88 7.17
C SER A 7 8.17 13.76 6.83
N GLY A 8 7.14 13.73 7.68
CA GLY A 8 5.96 14.53 7.43
C GLY A 8 5.04 14.63 8.64
N ALA A 9 5.63 14.89 9.81
CA ALA A 9 4.85 15.02 11.04
C ALA A 9 4.68 16.50 11.38
N GLU A 10 3.78 17.17 10.66
CA GLU A 10 3.54 18.59 10.88
C GLU A 10 2.08 18.87 11.20
N LEU A 11 1.84 19.94 11.96
CA LEU A 11 0.50 20.34 12.35
C LEU A 11 -0.03 21.36 11.32
N VAL A 12 -0.48 20.86 10.19
CA VAL A 12 -0.99 21.70 9.12
C VAL A 12 -2.25 22.46 9.52
N LYS A 13 -2.39 23.67 8.98
CA LYS A 13 -3.55 24.51 9.26
C LYS A 13 -4.46 24.57 8.03
N PRO A 14 -5.80 24.63 8.22
CA PRO A 14 -6.75 24.67 7.12
C PRO A 14 -6.37 25.71 6.06
N GLY A 15 -6.05 25.23 4.85
CA GLY A 15 -5.67 26.12 3.77
C GLY A 15 -4.17 26.32 3.68
N ALA A 16 -3.40 25.35 4.16
CA ALA A 16 -1.93 25.43 4.11
C ALA A 16 -1.36 24.51 3.04
N SER A 17 -0.03 24.52 2.90
CA SER A 17 0.65 23.69 1.92
C SER A 17 1.97 23.16 2.47
N VAL A 18 1.93 21.97 3.07
CA VAL A 18 3.14 21.36 3.63
C VAL A 18 3.81 20.45 2.59
N LYS A 19 5.11 20.62 2.43
CA LYS A 19 5.86 19.82 1.46
C LYS A 19 6.64 18.70 2.15
N MET A 20 6.13 17.48 2.06
CA MET A 20 6.77 16.32 2.69
C MET A 20 8.00 15.89 1.88
N SER A 21 8.78 14.97 2.45
CA SER A 21 9.99 14.48 1.76
C SER A 21 10.29 13.03 2.13
N CYS A 22 10.16 12.14 1.14
CA CYS A 22 10.44 10.72 1.34
C CYS A 22 11.80 10.37 0.74
N LYS A 23 12.84 10.32 1.58
CA LYS A 23 14.19 10.01 1.12
C LYS A 23 14.34 8.51 0.88
N ALA A 24 15.20 8.16 -0.08
CA ALA A 24 15.44 6.77 -0.42
C ALA A 24 16.93 6.44 -0.42
N SER A 25 17.44 6.00 0.73
CA SER A 25 18.85 5.62 0.83
C SER A 25 19.02 4.17 0.38
N GLY A 26 20.14 3.87 -0.28
CA GLY A 26 20.35 2.52 -0.77
C GLY A 26 19.33 2.17 -1.85
N TYR A 27 18.82 3.21 -2.51
CA TYR A 27 17.80 3.06 -3.55
C TYR A 27 18.32 3.36 -4.95
N THR A 28 17.65 2.79 -5.94
CA THR A 28 17.95 3.06 -7.33
C THR A 28 17.09 4.25 -7.77
N PHE A 29 15.89 4.34 -7.16
CA PHE A 29 14.94 5.42 -7.38
C PHE A 29 14.27 5.34 -8.77
N THR A 30 14.98 5.72 -9.82
CA THR A 30 14.43 5.70 -11.18
C THR A 30 13.80 4.34 -11.52
N THR A 31 14.36 3.26 -10.98
CA THR A 31 13.86 1.91 -11.23
C THR A 31 12.75 1.54 -10.25
N TYR A 32 12.78 2.11 -9.05
CA TYR A 32 11.76 1.80 -8.03
C TYR A 32 10.76 2.94 -7.86
N PRO A 33 9.62 2.90 -8.58
CA PRO A 33 8.58 3.93 -8.46
C PRO A 33 7.98 3.94 -7.06
N ILE A 34 7.65 5.13 -6.56
CA ILE A 34 7.11 5.26 -5.21
C ILE A 34 5.62 5.59 -5.21
N GLU A 35 4.88 4.95 -4.32
CA GLU A 35 3.44 5.18 -4.20
C GLU A 35 3.12 5.70 -2.80
N TRP A 36 2.11 6.55 -2.71
CA TRP A 36 1.71 7.12 -1.43
C TRP A 36 0.33 6.61 -1.00
N MET A 37 0.22 6.25 0.29
CA MET A 37 -1.03 5.76 0.84
C MET A 37 -1.48 6.65 1.99
N LYS A 38 -2.71 7.14 1.92
CA LYS A 38 -3.26 8.02 2.95
C LYS A 38 -4.23 7.27 3.86
N GLN A 39 -3.91 7.21 5.15
CA GLN A 39 -4.74 6.52 6.13
C GLN A 39 -5.42 7.51 7.08
N ASN A 40 -6.54 8.08 6.67
CA ASN A 40 -7.27 9.04 7.52
C ASN A 40 -7.68 8.38 8.83
N HIS A 41 -7.01 8.77 9.92
CA HIS A 41 -7.30 8.21 11.24
C HIS A 41 -7.06 6.69 11.23
N GLY A 42 -7.85 5.94 12.01
CA GLY A 42 -7.69 4.50 12.06
C GLY A 42 -8.56 3.78 11.04
N LYS A 43 -8.54 4.25 9.79
CA LYS A 43 -9.35 3.65 8.74
C LYS A 43 -8.46 2.94 7.70
N SER A 44 -9.10 2.41 6.66
CA SER A 44 -8.37 1.70 5.60
C SER A 44 -7.45 2.64 4.82
N LEU A 45 -6.49 2.05 4.10
CA LEU A 45 -5.54 2.83 3.31
C LEU A 45 -6.20 3.31 2.01
N GLU A 46 -5.75 4.46 1.52
CA GLU A 46 -6.30 5.04 0.29
C GLU A 46 -5.18 5.45 -0.67
N TRP A 47 -4.96 4.64 -1.70
CA TRP A 47 -3.93 4.94 -2.69
C TRP A 47 -4.21 6.29 -3.36
N ILE A 48 -3.36 7.27 -3.06
CA ILE A 48 -3.53 8.62 -3.62
C ILE A 48 -2.79 8.80 -4.95
N GLY A 49 -1.88 7.88 -5.28
CA GLY A 49 -1.14 7.99 -6.54
C GLY A 49 0.24 7.37 -6.50
N ASN A 50 1.00 7.57 -7.57
CA ASN A 50 2.35 7.01 -7.66
C ASN A 50 3.28 7.95 -8.45
N PHE A 51 4.56 7.60 -8.55
CA PHE A 51 5.54 8.41 -9.27
C PHE A 51 6.66 7.55 -9.86
N HIS A 52 7.24 8.04 -10.97
CA HIS A 52 8.33 7.35 -11.64
C HIS A 52 9.45 8.36 -11.92
N PRO A 53 10.63 8.18 -11.31
CA PRO A 53 11.75 9.12 -11.48
C PRO A 53 12.43 9.04 -12.85
N TYR A 54 12.39 7.87 -13.48
CA TYR A 54 13.03 7.69 -14.79
C TYR A 54 12.37 8.57 -15.86
N SER A 55 11.07 8.39 -16.05
CA SER A 55 10.32 9.16 -17.04
C SER A 55 9.57 10.33 -16.41
N ASP A 56 9.70 10.51 -15.10
CA ASP A 56 9.01 11.59 -14.40
C ASP A 56 7.51 11.52 -14.64
N ASP A 57 6.96 10.31 -14.59
CA ASP A 57 5.53 10.11 -14.81
C ASP A 57 4.83 9.78 -13.50
N THR A 58 3.66 10.38 -13.31
CA THR A 58 2.87 10.17 -12.11
C THR A 58 1.46 9.74 -12.44
N ASN A 59 0.80 9.13 -11.46
CA ASN A 59 -0.58 8.71 -11.63
C ASN A 59 -1.36 9.06 -10.38
N TYR A 60 -1.85 10.29 -10.33
CA TYR A 60 -2.60 10.78 -9.19
C TYR A 60 -4.03 10.22 -9.19
N ASN A 61 -4.69 10.31 -8.05
CA ASN A 61 -6.06 9.84 -7.90
C ASN A 61 -7.02 10.88 -8.49
N GLU A 62 -8.06 10.42 -9.18
CA GLU A 62 -9.03 11.34 -9.80
C GLU A 62 -9.54 12.40 -8.82
N LYS A 63 -9.51 12.13 -7.52
CA LYS A 63 -9.97 13.10 -6.52
C LYS A 63 -8.84 14.04 -6.08
N PHE A 64 -7.62 13.50 -5.95
CA PHE A 64 -6.48 14.29 -5.52
C PHE A 64 -5.55 14.64 -6.70
N LYS A 65 -6.09 14.65 -7.91
CA LYS A 65 -5.30 14.96 -9.09
C LYS A 65 -5.07 16.47 -9.19
N GLY A 66 -3.83 16.89 -8.92
CA GLY A 66 -3.50 18.31 -8.96
C GLY A 66 -3.24 18.89 -7.59
N LYS A 67 -3.96 18.40 -6.58
CA LYS A 67 -3.79 18.89 -5.21
C LYS A 67 -2.43 18.48 -4.65
N ALA A 68 -1.99 17.26 -4.98
CA ALA A 68 -0.70 16.75 -4.51
C ALA A 68 0.33 16.77 -5.63
N LYS A 69 1.30 17.69 -5.55
CA LYS A 69 2.33 17.81 -6.56
C LYS A 69 3.62 17.10 -6.11
N LEU A 70 3.98 16.03 -6.83
CA LEU A 70 5.18 15.27 -6.52
C LEU A 70 6.39 15.85 -7.25
N THR A 71 7.23 16.58 -6.51
CA THR A 71 8.44 17.17 -7.09
C THR A 71 9.54 16.13 -7.26
N VAL A 72 10.39 16.32 -8.26
CA VAL A 72 11.47 15.39 -8.53
C VAL A 72 12.81 15.90 -7.98
N GLU A 73 13.48 15.05 -7.21
CA GLU A 73 14.79 15.39 -6.64
C GLU A 73 15.73 14.20 -6.74
N LYS A 74 16.02 13.79 -7.97
CA LYS A 74 16.91 12.66 -8.23
C LYS A 74 18.29 12.89 -7.59
N SER A 75 18.70 14.15 -7.48
CA SER A 75 19.99 14.51 -6.88
C SER A 75 20.11 13.95 -5.46
N SER A 76 19.03 14.05 -4.68
CA SER A 76 19.02 13.58 -3.30
C SER A 76 18.15 12.32 -3.13
N SER A 77 17.70 11.75 -4.26
CA SER A 77 16.86 10.55 -4.23
C SER A 77 15.67 10.70 -3.29
N THR A 78 15.04 11.89 -3.32
CA THR A 78 13.90 12.15 -2.45
C THR A 78 12.73 12.70 -3.26
N VAL A 79 11.54 12.15 -3.01
CA VAL A 79 10.33 12.60 -3.70
C VAL A 79 9.49 13.48 -2.78
N TYR A 80 9.26 14.72 -3.18
CA TYR A 80 8.49 15.67 -2.38
C TYR A 80 6.99 15.50 -2.62
N LEU A 81 6.23 15.51 -1.53
CA LEU A 81 4.78 15.38 -1.59
C LEU A 81 4.13 16.68 -1.12
N GLU A 82 4.07 17.66 -2.02
CA GLU A 82 3.51 18.97 -1.70
C GLU A 82 1.98 18.95 -1.64
N PHE A 83 1.45 18.80 -0.43
CA PHE A 83 0.01 18.81 -0.22
C PHE A 83 -0.50 20.24 -0.10
N SER A 84 -1.26 20.68 -1.09
CA SER A 84 -1.80 22.04 -1.09
C SER A 84 -3.24 22.07 -0.58
N ARG A 85 -3.68 23.25 -0.12
CA ARG A 85 -5.04 23.46 0.39
C ARG A 85 -5.53 22.26 1.22
N LEU A 86 -4.76 21.89 2.25
CA LEU A 86 -5.11 20.77 3.11
C LEU A 86 -6.30 21.13 4.01
N THR A 87 -7.43 20.43 3.80
CA THR A 87 -8.63 20.67 4.60
C THR A 87 -8.51 19.98 5.95
N SER A 88 -9.35 20.41 6.90
CA SER A 88 -9.35 19.84 8.25
C SER A 88 -9.50 18.32 8.24
N ASP A 89 -10.20 17.79 7.23
CA ASP A 89 -10.42 16.35 7.13
C ASP A 89 -9.30 15.64 6.34
N ASP A 90 -8.06 16.11 6.51
CA ASP A 90 -6.92 15.51 5.81
C ASP A 90 -5.93 14.87 6.78
N SER A 91 -6.33 14.69 8.05
CA SER A 91 -5.46 14.08 9.05
C SER A 91 -5.31 12.58 8.76
N ALA A 92 -4.17 12.20 8.21
CA ALA A 92 -3.92 10.80 7.87
C ALA A 92 -2.45 10.42 8.01
N VAL A 93 -2.18 9.11 7.94
CA VAL A 93 -0.83 8.58 8.03
C VAL A 93 -0.34 8.20 6.65
N TYR A 94 0.51 9.04 6.05
CA TYR A 94 1.04 8.79 4.72
C TYR A 94 2.17 7.77 4.76
N TYR A 95 2.30 7.01 3.67
CA TYR A 95 3.34 5.99 3.54
C TYR A 95 3.83 5.89 2.10
N CYS A 96 5.12 6.16 1.90
CA CYS A 96 5.71 6.08 0.57
C CYS A 96 6.33 4.70 0.34
N ALA A 97 5.47 3.70 0.14
CA ALA A 97 5.92 2.33 -0.08
C ALA A 97 6.10 2.01 -1.56
N ILE A 98 7.04 1.12 -1.87
CA ILE A 98 7.31 0.74 -3.26
C ILE A 98 7.31 -0.79 -3.42
N HIS A 99 7.34 -1.24 -4.67
CA HIS A 99 7.37 -2.68 -4.97
C HIS A 99 8.83 -3.13 -5.14
N TYR A 100 9.62 -2.99 -4.08
CA TYR A 100 11.03 -3.36 -4.12
C TYR A 100 11.21 -4.85 -4.40
N GLY A 101 10.50 -5.69 -3.65
CA GLY A 101 10.60 -7.13 -3.83
C GLY A 101 9.77 -7.66 -4.99
N SER A 102 8.46 -7.84 -4.74
CA SER A 102 7.57 -8.34 -5.78
C SER A 102 6.99 -7.20 -6.63
N ALA A 103 6.59 -7.53 -7.86
CA ALA A 103 6.03 -6.53 -8.77
C ALA A 103 4.49 -6.49 -8.68
N TYR A 104 3.95 -6.77 -7.51
CA TYR A 104 2.50 -6.73 -7.31
C TYR A 104 2.11 -5.75 -6.20
N ALA A 105 2.75 -5.88 -5.04
CA ALA A 105 2.47 -5.00 -3.91
C ALA A 105 3.75 -4.35 -3.38
N MET A 106 3.61 -3.46 -2.41
CA MET A 106 4.76 -2.77 -1.81
C MET A 106 5.28 -3.53 -0.60
N ASP A 107 6.59 -3.69 -0.52
CA ASP A 107 7.22 -4.40 0.59
C ASP A 107 7.88 -3.42 1.57
N TYR A 108 8.58 -2.43 1.03
CA TYR A 108 9.26 -1.43 1.86
C TYR A 108 8.42 -0.18 1.98
N TRP A 109 7.76 -0.01 3.13
CA TRP A 109 6.91 1.15 3.38
C TRP A 109 7.68 2.26 4.10
N GLY A 110 7.03 3.42 4.26
CA GLY A 110 7.67 4.54 4.93
C GLY A 110 7.86 4.30 6.42
N GLN A 111 8.65 5.15 7.06
CA GLN A 111 8.92 5.02 8.50
C GLN A 111 7.86 5.74 9.36
N GLY A 112 6.61 5.75 8.90
CA GLY A 112 5.54 6.37 9.66
C GLY A 112 5.55 7.90 9.60
N THR A 113 4.48 8.48 9.06
CA THR A 113 4.35 9.94 8.98
C THR A 113 2.87 10.32 9.08
N SER A 114 2.57 11.32 9.91
CA SER A 114 1.19 11.74 10.10
C SER A 114 1.06 13.26 10.18
N VAL A 115 0.08 13.81 9.49
CA VAL A 115 -0.17 15.25 9.50
C VAL A 115 -1.46 15.56 10.24
N THR A 116 -1.35 16.31 11.33
CA THR A 116 -2.51 16.67 12.14
C THR A 116 -2.97 18.08 11.79
N VAL A 117 -4.28 18.29 11.78
CA VAL A 117 -4.84 19.60 11.48
C VAL A 117 -5.21 20.34 12.77
N SER A 118 -4.81 21.60 12.87
CA SER A 118 -5.10 22.41 14.05
C SER A 118 -6.60 22.61 14.24
N SER A 119 -7.35 22.66 13.14
CA SER A 119 -8.79 22.84 13.18
C SER A 119 -9.47 22.08 12.04
N ASP B 1 -12.27 1.27 -11.39
CA ASP B 1 -12.20 1.13 -9.90
C ASP B 1 -12.85 -0.18 -9.46
N ILE B 2 -12.41 -0.70 -8.32
CA ILE B 2 -12.95 -1.94 -7.78
C ILE B 2 -13.20 -1.81 -6.29
N VAL B 3 -14.39 -2.23 -5.84
CA VAL B 3 -14.73 -2.17 -4.42
C VAL B 3 -14.36 -3.48 -3.74
N LEU B 4 -13.53 -3.39 -2.69
CA LEU B 4 -13.09 -4.58 -1.97
C LEU B 4 -13.91 -4.78 -0.70
N THR B 5 -15.13 -5.30 -0.88
CA THR B 5 -16.03 -5.56 0.25
C THR B 5 -15.59 -6.83 0.98
N GLN B 6 -14.81 -6.66 2.04
CA GLN B 6 -14.31 -7.80 2.82
C GLN B 6 -15.38 -8.35 3.76
N SER B 7 -15.09 -9.51 4.34
CA SER B 7 -16.01 -10.16 5.27
C SER B 7 -15.97 -9.47 6.63
N PRO B 8 -16.63 -10.02 7.68
CA PRO B 8 -16.65 -9.42 9.02
C PRO B 8 -15.33 -8.74 9.39
N ALA B 9 -15.36 -7.40 9.38
CA ALA B 9 -14.17 -6.61 9.69
C ALA B 9 -13.55 -6.99 11.04
N SER B 10 -14.39 -7.21 12.05
CA SER B 10 -13.89 -7.57 13.37
C SER B 10 -14.38 -8.95 13.81
N LEU B 11 -13.45 -9.77 14.28
CA LEU B 11 -13.77 -11.12 14.75
C LEU B 11 -12.67 -11.64 15.67
N ALA B 12 -13.00 -12.64 16.49
CA ALA B 12 -12.03 -13.20 17.42
C ALA B 12 -11.67 -14.64 17.06
N VAL B 13 -10.37 -14.93 17.03
CA VAL B 13 -9.90 -16.27 16.70
C VAL B 13 -8.84 -16.72 17.72
N SER B 14 -9.09 -17.84 18.38
CA SER B 14 -8.16 -18.37 19.38
C SER B 14 -6.89 -18.90 18.73
N LEU B 15 -5.83 -19.04 19.53
CA LEU B 15 -4.55 -19.54 19.05
C LEU B 15 -4.68 -20.97 18.57
N GLY B 16 -4.44 -21.19 17.28
CA GLY B 16 -4.54 -22.54 16.72
C GLY B 16 -5.66 -22.64 15.70
N GLN B 17 -6.77 -21.93 15.95
CA GLN B 17 -7.90 -21.94 15.04
C GLN B 17 -7.58 -21.16 13.76
N ARG B 18 -8.20 -21.56 12.67
CA ARG B 18 -7.97 -20.90 11.38
C ARG B 18 -8.90 -19.71 11.18
N ALA B 19 -8.39 -18.68 10.49
CA ALA B 19 -9.18 -17.49 10.19
C ALA B 19 -9.54 -17.45 8.71
N THR B 20 -10.63 -16.78 8.38
CA THR B 20 -11.08 -16.69 6.99
C THR B 20 -11.45 -15.26 6.60
N ILE B 21 -10.46 -14.51 6.11
CA ILE B 21 -10.68 -13.14 5.69
C ILE B 21 -10.92 -13.09 4.19
N SER B 22 -12.18 -13.26 3.78
CA SER B 22 -12.52 -13.26 2.36
C SER B 22 -12.80 -11.85 1.84
N CYS B 23 -11.98 -11.41 0.87
CA CYS B 23 -12.14 -10.10 0.26
C CYS B 23 -12.83 -10.23 -1.09
N LYS B 24 -14.10 -9.83 -1.14
CA LYS B 24 -14.87 -9.91 -2.38
C LYS B 24 -14.71 -8.62 -3.19
N ALA B 25 -14.48 -8.76 -4.48
CA ALA B 25 -14.31 -7.62 -5.37
C ALA B 25 -15.51 -7.49 -6.31
N SER B 26 -15.92 -6.25 -6.57
CA SER B 26 -17.06 -6.00 -7.46
C SER B 26 -16.69 -6.28 -8.91
N GLN B 27 -15.43 -6.01 -9.27
CA GLN B 27 -14.96 -6.24 -10.63
C GLN B 27 -13.81 -7.24 -10.65
N SER B 28 -13.60 -7.88 -11.80
CA SER B 28 -12.52 -8.86 -11.94
C SER B 28 -11.16 -8.17 -11.88
N VAL B 29 -10.36 -8.57 -10.89
CA VAL B 29 -9.02 -7.99 -10.73
C VAL B 29 -7.94 -8.97 -11.16
N ASP B 30 -8.30 -9.92 -12.03
CA ASP B 30 -7.35 -10.91 -12.52
C ASP B 30 -6.75 -10.52 -13.86
N TYR B 31 -5.57 -11.06 -14.13
CA TYR B 31 -4.87 -10.80 -15.37
C TYR B 31 -4.55 -12.12 -16.08
N ASP B 32 -3.66 -12.08 -17.07
CA ASP B 32 -3.27 -13.28 -17.82
C ASP B 32 -2.67 -14.34 -16.89
N GLY B 33 -3.55 -15.18 -16.35
CA GLY B 33 -3.12 -16.25 -15.46
C GLY B 33 -2.46 -15.76 -14.18
N ASP B 34 -2.68 -14.50 -13.80
CA ASP B 34 -2.10 -13.95 -12.58
C ASP B 34 -2.99 -12.89 -11.97
N SER B 35 -3.56 -13.20 -10.81
CA SER B 35 -4.42 -12.25 -10.11
C SER B 35 -3.59 -11.21 -9.37
N TYR B 36 -4.05 -9.98 -9.38
CA TYR B 36 -3.34 -8.90 -8.70
C TYR B 36 -4.06 -8.46 -7.44
N MET B 37 -3.97 -9.30 -6.42
CA MET B 37 -4.61 -9.05 -5.13
C MET B 37 -3.59 -9.18 -4.00
N ASN B 38 -3.34 -8.08 -3.30
CA ASN B 38 -2.37 -8.09 -2.21
C ASN B 38 -3.03 -7.98 -0.85
N TRP B 39 -2.37 -8.54 0.16
CA TRP B 39 -2.88 -8.51 1.53
C TRP B 39 -1.81 -7.94 2.45
N TYR B 40 -2.19 -6.98 3.30
CA TYR B 40 -1.26 -6.36 4.22
C TYR B 40 -1.66 -6.62 5.66
N GLN B 41 -0.65 -6.65 6.54
CA GLN B 41 -0.88 -6.86 7.96
C GLN B 41 -0.42 -5.64 8.75
N GLN B 42 -1.25 -4.61 8.74
CA GLN B 42 -0.93 -3.37 9.44
C GLN B 42 -1.12 -3.55 10.95
N LYS B 43 -0.02 -3.85 11.63
CA LYS B 43 -0.05 -4.06 13.08
C LYS B 43 -0.30 -2.74 13.80
N PRO B 44 -0.74 -2.79 15.08
CA PRO B 44 -1.01 -1.59 15.87
C PRO B 44 0.18 -0.63 15.90
N GLY B 45 0.12 0.40 15.06
CA GLY B 45 1.19 1.37 14.98
C GLY B 45 2.39 0.83 14.22
N GLN B 46 2.15 0.20 13.07
CA GLN B 46 3.21 -0.36 12.25
C GLN B 46 2.77 -0.47 10.79
N PRO B 47 3.63 -0.05 9.84
CA PRO B 47 3.32 -0.08 8.41
C PRO B 47 2.81 -1.46 7.95
N PRO B 48 1.82 -1.48 7.03
CA PRO B 48 1.23 -2.72 6.50
C PRO B 48 2.26 -3.63 5.83
N LYS B 49 2.56 -4.75 6.47
CA LYS B 49 3.51 -5.72 5.92
C LYS B 49 2.92 -6.46 4.73
N LEU B 50 3.70 -6.60 3.66
CA LEU B 50 3.23 -7.30 2.47
C LEU B 50 3.26 -8.82 2.70
N LEU B 51 2.13 -9.38 3.13
CA LEU B 51 2.03 -10.80 3.40
C LEU B 51 1.97 -11.61 2.11
N ILE B 52 0.91 -11.39 1.32
CA ILE B 52 0.73 -12.11 0.07
C ILE B 52 0.59 -11.13 -1.10
N TYR B 53 1.11 -11.54 -2.26
CA TYR B 53 1.04 -10.72 -3.46
C TYR B 53 0.61 -11.58 -4.64
N ALA B 54 0.13 -10.96 -5.71
CA ALA B 54 -0.28 -11.69 -6.90
C ALA B 54 -1.34 -12.75 -6.60
N ALA B 55 -2.27 -12.42 -5.69
CA ALA B 55 -3.37 -13.31 -5.31
C ALA B 55 -2.98 -14.35 -4.25
N SER B 56 -2.06 -15.27 -4.61
CA SER B 56 -1.67 -16.33 -3.66
C SER B 56 -0.16 -16.60 -3.66
N ASN B 57 0.63 -15.67 -4.17
CA ASN B 57 2.08 -15.85 -4.20
C ASN B 57 2.71 -15.32 -2.92
N LEU B 58 3.04 -16.23 -2.01
CA LEU B 58 3.65 -15.85 -0.74
C LEU B 58 4.83 -14.90 -0.91
N GLU B 59 4.89 -13.88 -0.05
CA GLU B 59 5.95 -12.90 -0.08
C GLU B 59 7.16 -13.41 0.71
N SER B 60 8.30 -13.55 0.03
CA SER B 60 9.52 -14.05 0.69
C SER B 60 9.83 -13.24 1.95
N GLY B 61 9.49 -13.81 3.11
CA GLY B 61 9.73 -13.14 4.37
C GLY B 61 8.88 -13.69 5.49
N ILE B 62 7.59 -13.90 5.21
CA ILE B 62 6.67 -14.43 6.22
C ILE B 62 6.63 -15.96 6.17
N PRO B 63 6.18 -16.61 7.26
CA PRO B 63 6.08 -18.07 7.33
C PRO B 63 5.12 -18.64 6.28
N ALA B 64 5.16 -19.96 6.09
CA ALA B 64 4.30 -20.62 5.11
C ALA B 64 2.92 -20.96 5.69
N ARG B 65 2.36 -20.06 6.50
CA ARG B 65 1.05 -20.28 7.09
C ARG B 65 0.01 -19.27 6.57
N PHE B 66 0.46 -18.32 5.75
CA PHE B 66 -0.43 -17.31 5.19
C PHE B 66 -0.83 -17.67 3.77
N SER B 67 -1.79 -18.57 3.63
CA SER B 67 -2.26 -19.01 2.32
C SER B 67 -3.30 -18.05 1.77
N GLY B 68 -3.51 -18.08 0.45
CA GLY B 68 -4.49 -17.21 -0.17
C GLY B 68 -5.25 -17.90 -1.29
N SER B 69 -6.53 -18.16 -1.06
CA SER B 69 -7.37 -18.83 -2.07
C SER B 69 -8.39 -17.85 -2.64
N GLY B 70 -8.25 -17.54 -3.93
CA GLY B 70 -9.17 -16.61 -4.57
C GLY B 70 -9.05 -16.59 -6.07
N SER B 71 -10.20 -16.45 -6.75
CA SER B 71 -10.22 -16.40 -8.21
C SER B 71 -11.18 -15.31 -8.69
N ARG B 72 -10.68 -14.43 -9.55
CA ARG B 72 -11.45 -13.32 -10.12
C ARG B 72 -11.79 -12.27 -9.07
N THR B 73 -12.85 -12.51 -8.29
CA THR B 73 -13.28 -11.55 -7.26
C THR B 73 -13.35 -12.19 -5.88
N ASP B 74 -13.68 -13.48 -5.81
CA ASP B 74 -13.79 -14.16 -4.52
C ASP B 74 -12.42 -14.56 -4.00
N PHE B 75 -11.84 -13.72 -3.12
CA PHE B 75 -10.54 -13.99 -2.54
C PHE B 75 -10.67 -14.31 -1.05
N THR B 76 -9.66 -14.97 -0.49
CA THR B 76 -9.69 -15.34 0.93
C THR B 76 -8.28 -15.51 1.49
N LEU B 77 -8.13 -15.22 2.79
CA LEU B 77 -6.85 -15.35 3.48
C LEU B 77 -6.93 -16.51 4.47
N ASN B 78 -6.39 -17.66 4.08
CA ASN B 78 -6.43 -18.86 4.92
C ASN B 78 -5.25 -18.90 5.90
N ILE B 79 -5.51 -18.52 7.14
CA ILE B 79 -4.49 -18.53 8.18
C ILE B 79 -4.80 -19.64 9.20
N HIS B 80 -4.43 -20.87 8.86
CA HIS B 80 -4.70 -22.01 9.74
C HIS B 80 -4.13 -21.80 11.15
N PRO B 81 -2.79 -21.71 11.31
CA PRO B 81 -2.18 -21.51 12.62
C PRO B 81 -2.19 -20.04 13.03
N VAL B 82 -3.30 -19.57 13.59
CA VAL B 82 -3.42 -18.18 14.01
C VAL B 82 -2.72 -17.96 15.35
N GLU B 83 -1.46 -17.54 15.27
CA GLU B 83 -0.67 -17.27 16.47
C GLU B 83 -0.91 -15.84 16.95
N GLU B 84 -0.25 -15.45 18.04
CA GLU B 84 -0.41 -14.09 18.60
C GLU B 84 0.02 -13.02 17.60
N GLU B 85 0.93 -13.37 16.69
CA GLU B 85 1.44 -12.43 15.69
C GLU B 85 0.35 -11.94 14.72
N ASP B 86 -0.83 -12.57 14.74
CA ASP B 86 -1.92 -12.18 13.84
C ASP B 86 -2.84 -11.13 14.47
N ALA B 87 -2.28 -10.26 15.31
CA ALA B 87 -3.07 -9.21 15.96
C ALA B 87 -2.92 -7.89 15.19
N ALA B 88 -3.46 -7.87 13.96
CA ALA B 88 -3.38 -6.68 13.11
C ALA B 88 -4.55 -6.63 12.13
N THR B 89 -4.74 -5.48 11.50
CA THR B 89 -5.81 -5.31 10.52
C THR B 89 -5.33 -5.68 9.12
N TYR B 90 -6.05 -6.59 8.47
CA TYR B 90 -5.69 -7.04 7.14
C TYR B 90 -6.50 -6.30 6.07
N TYR B 91 -5.80 -5.80 5.05
CA TYR B 91 -6.45 -5.07 3.96
C TYR B 91 -6.15 -5.73 2.62
N CYS B 92 -7.09 -5.62 1.69
CA CYS B 92 -6.90 -6.19 0.35
C CYS B 92 -6.91 -5.09 -0.69
N GLN B 93 -5.73 -4.81 -1.25
CA GLN B 93 -5.59 -3.77 -2.27
C GLN B 93 -5.49 -4.38 -3.67
N GLN B 94 -6.43 -4.01 -4.53
CA GLN B 94 -6.42 -4.52 -5.90
C GLN B 94 -5.55 -3.62 -6.78
N SER B 95 -4.63 -4.24 -7.52
CA SER B 95 -3.72 -3.50 -8.39
C SER B 95 -3.87 -3.98 -9.84
N ASN B 96 -5.11 -4.20 -10.25
CA ASN B 96 -5.39 -4.67 -11.60
C ASN B 96 -5.85 -3.51 -12.49
N GLU B 97 -6.80 -2.72 -11.99
CA GLU B 97 -7.31 -1.57 -12.74
C GLU B 97 -7.29 -0.31 -11.89
N ASP B 98 -7.15 0.83 -12.56
CA ASP B 98 -7.12 2.12 -11.87
C ASP B 98 -8.54 2.64 -11.60
N PRO B 99 -8.75 3.31 -10.45
CA PRO B 99 -7.72 3.58 -9.46
C PRO B 99 -7.57 2.44 -8.46
N PHE B 100 -6.35 2.26 -7.95
CA PHE B 100 -6.08 1.21 -6.97
C PHE B 100 -6.68 1.59 -5.61
N THR B 101 -7.36 0.64 -4.98
CA THR B 101 -7.99 0.89 -3.68
C THR B 101 -7.78 -0.29 -2.73
N PHE B 102 -8.04 -0.05 -1.45
CA PHE B 102 -7.90 -1.07 -0.42
C PHE B 102 -9.27 -1.56 0.05
N GLY B 103 -9.27 -2.60 0.88
CA GLY B 103 -10.52 -3.15 1.40
C GLY B 103 -10.92 -2.52 2.72
N SER B 104 -12.15 -2.79 3.15
CA SER B 104 -12.67 -2.25 4.41
C SER B 104 -11.73 -2.54 5.59
N GLY B 105 -11.01 -3.66 5.52
CA GLY B 105 -10.09 -4.03 6.58
C GLY B 105 -10.67 -5.09 7.49
N THR B 106 -9.80 -5.81 8.19
CA THR B 106 -10.26 -6.86 9.10
C THR B 106 -9.36 -6.92 10.33
N LYS B 107 -9.75 -6.20 11.38
CA LYS B 107 -8.99 -6.19 12.63
C LYS B 107 -9.08 -7.57 13.30
N LEU B 108 -8.10 -8.41 13.04
CA LEU B 108 -8.08 -9.76 13.60
C LEU B 108 -7.55 -9.73 15.03
N GLU B 109 -8.43 -9.98 15.98
CA GLU B 109 -8.05 -10.00 17.39
C GLU B 109 -7.87 -11.45 17.87
N ILE B 110 -6.63 -11.84 18.12
CA ILE B 110 -6.34 -13.19 18.58
C ILE B 110 -6.86 -13.40 20.00
N LYS B 111 -7.03 -14.66 20.38
CA LYS B 111 -7.53 -15.00 21.71
C LYS B 111 -6.61 -16.03 22.38
N ARG B 112 -6.29 -15.77 23.64
CA ARG B 112 -5.42 -16.68 24.40
C ARG B 112 -6.18 -17.93 24.84
N ARG C 1 22.49 -3.06 -20.99
CA ARG C 1 21.17 -3.57 -20.51
C ARG C 1 20.64 -2.71 -19.36
N LYS C 2 19.41 -2.23 -19.53
CA LYS C 2 18.76 -1.40 -18.53
C LYS C 2 17.33 -1.90 -18.30
N SER C 3 16.87 -1.86 -17.06
CA SER C 3 15.51 -2.32 -16.75
C SER C 3 14.88 -1.44 -15.67
N ILE C 4 13.62 -1.07 -15.85
CA ILE C 4 12.92 -0.23 -14.88
C ILE C 4 11.56 -0.80 -14.52
N ARG C 5 11.17 -0.61 -13.27
CA ARG C 5 9.86 -1.06 -12.81
C ARG C 5 8.87 0.07 -13.03
N ILE C 6 7.95 -0.11 -13.97
CA ILE C 6 6.99 0.94 -14.31
C ILE C 6 5.87 1.06 -13.27
N GLN C 7 5.17 2.18 -13.31
CA GLN C 7 4.06 2.45 -12.38
C GLN C 7 2.70 2.18 -13.00
N ARG C 8 2.67 1.57 -14.18
CA ARG C 8 1.41 1.28 -14.86
C ARG C 8 1.00 -0.16 -14.59
N GLY C 9 -0.29 -0.35 -14.28
CA GLY C 9 -0.79 -1.69 -14.01
C GLY C 9 -0.82 -2.57 -15.24
N PRO C 10 -1.07 -3.88 -15.07
CA PRO C 10 -1.30 -4.48 -13.76
C PRO C 10 0.01 -4.67 -12.98
N GLY C 11 0.07 -4.11 -11.76
CA GLY C 11 1.27 -4.22 -10.95
C GLY C 11 2.42 -3.42 -11.52
N ARG C 12 3.59 -3.52 -10.90
CA ARG C 12 4.76 -2.79 -11.36
C ARG C 12 5.79 -3.77 -11.91
N ALA C 13 5.60 -4.17 -13.17
CA ALA C 13 6.50 -5.11 -13.82
C ALA C 13 7.81 -4.43 -14.24
N PHE C 14 8.73 -5.22 -14.79
CA PHE C 14 10.01 -4.71 -15.23
C PHE C 14 10.14 -4.77 -16.75
N VAL C 15 10.69 -3.70 -17.32
CA VAL C 15 10.90 -3.62 -18.76
C VAL C 15 12.36 -3.34 -19.05
N THR C 16 12.99 -4.18 -19.86
CA THR C 16 14.40 -4.02 -20.17
C THR C 16 14.61 -3.12 -21.39
N ILE C 17 14.91 -1.85 -21.14
CA ILE C 17 15.15 -0.89 -22.20
C ILE C 17 16.66 -0.71 -22.43
N GLY C 18 17.09 -0.84 -23.68
CA GLY C 18 18.50 -0.68 -24.01
C GLY C 18 19.36 -1.82 -23.50
#